data_2JJV
#
_entry.id   2JJV
#
_cell.length_a   114.979
_cell.length_b   47.490
_cell.length_c   40.044
_cell.angle_alpha   90.00
_cell.angle_beta   93.39
_cell.angle_gamma   90.00
#
_symmetry.space_group_name_H-M   'C 1 2 1'
#
loop_
_entity.id
_entity.type
_entity.pdbx_description
1 polymer 'SIGNAL-REGULATORY PROTEIN BETA 1.'
2 non-polymer 'SULFATE ION'
3 non-polymer 'CHLORIDE ION'
4 water water
#
_entity_poly.entity_id   1
_entity_poly.type   'polypeptide(L)'
_entity_poly.pdbx_seq_one_letter_code
;EEELQVIQPDKSISVAAGESATLHCTVTSLIPVGPIQWFRGAGPGRELIYNQKEGHFPRVTTVSDLTKRNNMDFSIRISN
ITPADAGTYYCVKFRKGSPDHVEFKSGAGTELSVRAKPSTRHHHHHH
;
_entity_poly.pdbx_strand_id   A,B
#
loop_
_chem_comp.id
_chem_comp.type
_chem_comp.name
_chem_comp.formula
CL non-polymer 'CHLORIDE ION' 'Cl -1'
SO4 non-polymer 'SULFATE ION' 'O4 S -2'
#
# COMPACT_ATOMS: atom_id res chain seq x y z
N GLU A 3 7.94 -28.68 1.65
CA GLU A 3 8.00 -27.38 2.38
C GLU A 3 6.77 -26.54 2.03
N LEU A 4 6.31 -25.74 2.99
CA LEU A 4 5.07 -24.98 2.85
C LEU A 4 5.18 -23.97 1.70
N GLN A 5 4.18 -23.95 0.83
CA GLN A 5 4.06 -22.94 -0.20
C GLN A 5 2.83 -22.08 0.08
N VAL A 6 2.93 -20.80 -0.28
CA VAL A 6 1.80 -19.91 -0.25
C VAL A 6 1.49 -19.55 -1.71
N ILE A 7 0.36 -20.04 -2.22
CA ILE A 7 0.04 -19.93 -3.63
C ILE A 7 -1.05 -18.86 -3.87
N GLN A 8 -0.67 -17.78 -4.55
CA GLN A 8 -1.62 -16.80 -5.07
C GLN A 8 -1.65 -16.93 -6.59
N PRO A 9 -2.67 -17.65 -7.12
CA PRO A 9 -2.65 -17.95 -8.55
C PRO A 9 -2.78 -16.72 -9.45
N ASP A 10 -3.54 -15.73 -9.01
CA ASP A 10 -3.81 -14.58 -9.85
C ASP A 10 -2.69 -13.56 -9.73
N LYS A 11 -2.00 -13.32 -10.84
CA LYS A 11 -0.99 -12.26 -10.92
C LYS A 11 -1.63 -10.88 -10.78
N SER A 12 -2.82 -10.72 -11.36
CA SER A 12 -3.56 -9.47 -11.25
C SER A 12 -5.05 -9.71 -11.43
N ILE A 13 -5.85 -8.81 -10.88
CA ILE A 13 -7.29 -8.80 -11.10
C ILE A 13 -7.76 -7.37 -11.33
N SER A 14 -8.84 -7.25 -12.10
CA SER A 14 -9.41 -5.97 -12.47
C SER A 14 -10.87 -5.92 -12.02
N VAL A 15 -11.19 -4.92 -11.20
CA VAL A 15 -12.50 -4.81 -10.56
C VAL A 15 -13.09 -3.42 -10.86
N ALA A 16 -14.38 -3.35 -11.15
CA ALA A 16 -15.06 -2.06 -11.30
C ALA A 16 -15.32 -1.46 -9.92
N ALA A 17 -15.06 -0.16 -9.76
CA ALA A 17 -15.36 0.52 -8.50
C ALA A 17 -16.81 0.21 -8.08
N GLY A 18 -17.00 -0.15 -6.82
CA GLY A 18 -18.31 -0.55 -6.32
C GLY A 18 -18.53 -2.05 -6.26
N GLU A 19 -17.77 -2.80 -7.05
CA GLU A 19 -17.86 -4.26 -7.06
C GLU A 19 -16.92 -4.88 -6.03
N SER A 20 -17.01 -6.19 -5.86
CA SER A 20 -16.14 -6.89 -4.92
C SER A 20 -14.92 -7.49 -5.61
N ALA A 21 -13.82 -7.56 -4.88
CA ALA A 21 -12.59 -8.18 -5.34
C ALA A 21 -12.39 -9.47 -4.57
N THR A 22 -12.14 -10.56 -5.28
CA THR A 22 -11.79 -11.84 -4.63
C THR A 22 -10.31 -12.12 -4.84
N LEU A 23 -9.58 -12.16 -3.73
CA LEU A 23 -8.14 -12.34 -3.74
C LEU A 23 -7.83 -13.75 -3.26
N HIS A 24 -7.24 -14.55 -4.13
CA HIS A 24 -7.06 -15.97 -3.85
C HIS A 24 -5.73 -16.31 -3.22
N CYS A 25 -5.80 -17.20 -2.25
CA CYS A 25 -4.62 -17.71 -1.57
C CYS A 25 -4.92 -19.07 -0.97
N THR A 26 -4.03 -20.01 -1.24
CA THR A 26 -4.11 -21.32 -0.59
C THR A 26 -2.72 -21.67 -0.06
N VAL A 27 -2.68 -22.33 1.09
CA VAL A 27 -1.46 -22.88 1.62
C VAL A 27 -1.41 -24.35 1.27
N THR A 28 -0.23 -24.93 1.32
CA THR A 28 -0.05 -26.33 0.99
C THR A 28 0.25 -27.15 2.23
N SER A 29 0.34 -26.50 3.39
CA SER A 29 0.56 -27.21 4.65
C SER A 29 -0.01 -26.45 5.84
N LEU A 30 -0.35 -27.19 6.88
CA LEU A 30 -0.77 -26.62 8.16
C LEU A 30 0.43 -26.51 9.10
N ILE A 31 1.61 -26.89 8.62
CA ILE A 31 2.83 -26.87 9.40
C ILE A 31 3.88 -25.98 8.72
N PRO A 32 4.52 -25.08 9.47
CA PRO A 32 4.37 -24.83 10.91
C PRO A 32 3.06 -24.13 11.23
N VAL A 33 2.60 -24.31 12.47
CA VAL A 33 1.35 -23.72 12.93
C VAL A 33 1.49 -22.21 13.06
N GLY A 34 0.46 -21.49 12.65
CA GLY A 34 0.45 -20.03 12.78
C GLY A 34 -0.49 -19.36 11.79
N PRO A 35 -0.80 -18.08 12.03
CA PRO A 35 -1.86 -17.39 11.29
C PRO A 35 -1.46 -16.96 9.89
N ILE A 36 -2.45 -16.76 9.03
CA ILE A 36 -2.25 -16.17 7.72
C ILE A 36 -2.76 -14.73 7.79
N GLN A 37 -2.02 -13.78 7.23
CA GLN A 37 -2.46 -12.41 7.21
C GLN A 37 -2.35 -11.89 5.78
N TRP A 38 -3.24 -10.97 5.43
CA TRP A 38 -3.17 -10.29 4.14
C TRP A 38 -2.69 -8.86 4.34
N PHE A 39 -1.76 -8.45 3.48
CA PHE A 39 -1.31 -7.07 3.43
C PHE A 39 -1.42 -6.49 2.04
N ARG A 40 -1.61 -5.18 1.99
CA ARG A 40 -1.43 -4.40 0.77
CA ARG A 40 -1.41 -4.42 0.75
C ARG A 40 -0.01 -3.82 0.82
N GLY A 41 0.83 -4.21 -0.13
CA GLY A 41 2.21 -3.79 -0.13
C GLY A 41 3.11 -4.79 0.58
N ALA A 42 4.36 -4.82 0.14
CA ALA A 42 5.41 -5.58 0.80
C ALA A 42 6.52 -4.68 1.35
N GLY A 43 6.24 -3.38 1.44
CA GLY A 43 7.17 -2.40 1.97
C GLY A 43 7.17 -2.40 3.50
N PRO A 44 8.08 -1.62 4.10
CA PRO A 44 8.19 -1.59 5.56
C PRO A 44 6.97 -1.00 6.27
N GLY A 45 6.16 -0.24 5.51
CA GLY A 45 4.91 0.33 6.04
C GLY A 45 3.65 -0.27 5.46
N ARG A 46 3.75 -1.48 4.91
CA ARG A 46 2.62 -2.22 4.34
C ARG A 46 1.34 -2.15 5.20
N GLU A 47 0.19 -2.14 4.54
CA GLU A 47 -1.09 -2.03 5.21
C GLU A 47 -1.69 -3.39 5.52
N LEU A 48 -2.14 -3.57 6.75
CA LEU A 48 -2.85 -4.79 7.11
C LEU A 48 -4.27 -4.77 6.54
N ILE A 49 -4.63 -5.83 5.81
CA ILE A 49 -5.92 -5.95 5.14
C ILE A 49 -6.82 -6.99 5.83
N TYR A 50 -6.21 -8.06 6.32
CA TYR A 50 -6.94 -9.06 7.06
C TYR A 50 -6.04 -9.82 8.01
N ASN A 51 -6.56 -10.04 9.21
CA ASN A 51 -5.99 -10.97 10.18
C ASN A 51 -7.16 -11.70 10.82
N GLN A 52 -6.99 -12.98 11.13
CA GLN A 52 -8.07 -13.80 11.71
C GLN A 52 -8.36 -13.33 13.15
N HIS A 56 -10.72 -6.06 13.62
CA HIS A 56 -11.45 -6.60 12.47
C HIS A 56 -11.58 -5.53 11.39
N PHE A 57 -11.87 -5.96 10.16
CA PHE A 57 -12.01 -5.05 9.03
C PHE A 57 -13.37 -5.22 8.34
N PRO A 58 -14.16 -4.14 8.28
CA PRO A 58 -15.58 -4.22 7.91
C PRO A 58 -15.88 -4.83 6.54
N ARG A 59 -15.03 -4.55 5.54
CA ARG A 59 -15.32 -4.88 4.15
C ARG A 59 -14.69 -6.19 3.68
N VAL A 60 -14.05 -6.92 4.59
CA VAL A 60 -13.36 -8.15 4.22
C VAL A 60 -14.08 -9.36 4.81
N THR A 61 -14.19 -10.41 4.01
CA THR A 61 -14.67 -11.70 4.51
C THR A 61 -13.83 -12.81 3.88
N THR A 62 -13.85 -13.99 4.52
CA THR A 62 -13.15 -15.13 3.97
C THR A 62 -14.06 -15.84 2.98
N VAL A 63 -13.48 -16.30 1.88
CA VAL A 63 -14.23 -17.08 0.88
C VAL A 63 -14.67 -18.42 1.49
N SER A 64 -13.77 -19.07 2.22
CA SER A 64 -14.07 -20.35 2.88
C SER A 64 -14.31 -20.16 4.37
N ASP A 65 -14.72 -21.23 5.04
CA ASP A 65 -14.91 -21.24 6.48
C ASP A 65 -13.59 -21.63 7.14
N LEU A 66 -13.00 -20.69 7.89
CA LEU A 66 -11.69 -20.90 8.50
C LEU A 66 -11.79 -21.74 9.76
N THR A 67 -12.93 -21.69 10.44
CA THR A 67 -13.17 -22.51 11.62
C THR A 67 -13.53 -23.92 11.18
N LYS A 68 -12.57 -24.58 10.52
CA LYS A 68 -12.80 -25.90 9.93
C LYS A 68 -11.46 -26.60 9.79
N ARG A 69 -11.36 -27.78 10.42
CA ARG A 69 -10.11 -28.53 10.44
C ARG A 69 -9.66 -28.90 9.03
N ASN A 70 -8.36 -28.78 8.80
CA ASN A 70 -7.74 -29.10 7.51
C ASN A 70 -7.97 -28.04 6.43
N ASN A 71 -8.49 -26.87 6.79
CA ASN A 71 -8.68 -25.79 5.83
C ASN A 71 -7.35 -25.23 5.37
N MET A 72 -7.18 -25.09 4.07
CA MET A 72 -5.98 -24.47 3.52
C MET A 72 -6.30 -23.37 2.50
N ASP A 73 -7.56 -22.94 2.43
CA ASP A 73 -7.96 -21.80 1.60
C ASP A 73 -8.09 -20.56 2.46
N PHE A 74 -7.33 -19.52 2.10
CA PHE A 74 -7.33 -18.26 2.84
C PHE A 74 -7.67 -17.09 1.94
N SER A 75 -8.33 -17.40 0.84
CA SER A 75 -8.82 -16.40 -0.09
C SER A 75 -9.78 -15.46 0.65
N ILE A 76 -9.76 -14.19 0.26
CA ILE A 76 -10.64 -13.20 0.86
C ILE A 76 -11.44 -12.48 -0.21
N ARG A 77 -12.53 -11.85 0.23
CA ARG A 77 -13.38 -11.03 -0.62
C ARG A 77 -13.44 -9.64 0.00
N ILE A 78 -13.18 -8.61 -0.79
CA ILE A 78 -13.24 -7.22 -0.32
C ILE A 78 -14.40 -6.52 -1.03
N SER A 79 -15.36 -6.04 -0.26
CA SER A 79 -16.56 -5.43 -0.83
C SER A 79 -16.34 -3.95 -1.16
N ASN A 80 -17.12 -3.46 -2.11
CA ASN A 80 -17.21 -2.03 -2.42
C ASN A 80 -15.85 -1.41 -2.69
N ILE A 81 -15.19 -1.95 -3.69
CA ILE A 81 -13.85 -1.54 -4.08
C ILE A 81 -13.84 -0.11 -4.61
N THR A 82 -12.84 0.67 -4.20
CA THR A 82 -12.58 2.00 -4.77
C THR A 82 -11.10 2.10 -5.16
N PRO A 83 -10.71 3.16 -5.90
CA PRO A 83 -9.31 3.35 -6.25
C PRO A 83 -8.35 3.33 -5.07
N ALA A 84 -8.84 3.68 -3.87
CA ALA A 84 -8.04 3.60 -2.64
C ALA A 84 -7.61 2.17 -2.34
N ASP A 85 -8.25 1.18 -2.96
CA ASP A 85 -7.86 -0.21 -2.78
C ASP A 85 -6.83 -0.71 -3.79
N ALA A 86 -6.50 0.09 -4.80
CA ALA A 86 -5.53 -0.34 -5.80
C ALA A 86 -4.20 -0.63 -5.11
N GLY A 87 -3.54 -1.70 -5.53
CA GLY A 87 -2.22 -2.05 -5.01
C GLY A 87 -2.00 -3.54 -5.13
N THR A 88 -0.85 -3.99 -4.63
CA THR A 88 -0.51 -5.42 -4.67
C THR A 88 -0.78 -6.02 -3.31
N TYR A 89 -1.52 -7.12 -3.35
CA TYR A 89 -2.01 -7.78 -2.13
C TYR A 89 -1.24 -9.08 -1.93
N TYR A 90 -0.74 -9.26 -0.71
CA TYR A 90 0.05 -10.43 -0.38
C TYR A 90 -0.56 -11.24 0.75
N CYS A 91 -0.73 -12.55 0.53
N CYS A 91 -0.64 -12.55 0.52
CA CYS A 91 -1.10 -13.43 1.64
CA CYS A 91 -1.02 -13.53 1.51
C CYS A 91 0.18 -14.01 2.22
C CYS A 91 0.24 -14.01 2.21
N VAL A 92 0.28 -13.92 3.54
CA VAL A 92 1.51 -14.16 4.28
C VAL A 92 1.25 -15.10 5.44
N LYS A 93 2.03 -16.19 5.45
CA LYS A 93 2.00 -17.15 6.52
C LYS A 93 2.96 -16.71 7.61
N PHE A 94 2.50 -16.81 8.85
CA PHE A 94 3.32 -16.54 10.02
C PHE A 94 3.46 -17.84 10.81
N ARG A 95 4.63 -18.06 11.37
CA ARG A 95 4.87 -19.13 12.34
C ARG A 95 4.63 -18.60 13.74
N LYS A 96 3.99 -19.41 14.58
CA LYS A 96 3.76 -19.06 15.98
C LYS A 96 5.09 -18.97 16.71
N GLY A 97 5.22 -17.98 17.60
CA GLY A 97 6.47 -17.82 18.35
C GLY A 97 6.30 -16.99 19.61
N SER A 98 7.36 -16.95 20.41
CA SER A 98 7.41 -16.13 21.60
C SER A 98 8.47 -15.05 21.40
N PRO A 99 8.15 -13.77 21.70
CA PRO A 99 6.84 -13.25 22.13
C PRO A 99 5.71 -13.43 21.11
N ASP A 100 5.96 -13.06 19.85
CA ASP A 100 4.89 -13.01 18.85
C ASP A 100 5.15 -13.84 17.59
N HIS A 101 4.13 -13.93 16.75
CA HIS A 101 4.22 -14.64 15.47
C HIS A 101 5.32 -14.03 14.59
N VAL A 102 6.05 -14.88 13.88
CA VAL A 102 7.13 -14.44 13.00
C VAL A 102 6.75 -14.75 11.55
N GLU A 103 6.98 -13.81 10.64
CA GLU A 103 6.70 -14.03 9.23
C GLU A 103 7.50 -15.21 8.70
N PHE A 104 6.82 -16.15 8.08
CA PHE A 104 7.44 -17.39 7.64
C PHE A 104 7.63 -17.41 6.12
N LYS A 105 6.56 -17.10 5.39
CA LYS A 105 6.58 -17.18 3.93
C LYS A 105 5.47 -16.30 3.35
N SER A 106 5.75 -15.64 2.24
CA SER A 106 4.76 -14.81 1.54
C SER A 106 4.39 -15.41 0.18
N GLY A 107 3.11 -15.30 -0.18
CA GLY A 107 2.66 -15.50 -1.54
C GLY A 107 3.28 -14.46 -2.47
N ALA A 108 3.08 -14.69 -3.77
CA ALA A 108 3.76 -13.90 -4.80
C ALA A 108 3.18 -12.49 -5.01
N GLY A 109 1.95 -12.28 -4.57
CA GLY A 109 1.29 -10.98 -4.72
C GLY A 109 0.31 -11.01 -5.88
N THR A 110 -0.80 -10.31 -5.69
CA THR A 110 -1.82 -10.17 -6.71
C THR A 110 -2.09 -8.69 -6.83
N GLU A 111 -1.95 -8.15 -8.05
CA GLU A 111 -2.22 -6.75 -8.29
C GLU A 111 -3.70 -6.50 -8.52
N LEU A 112 -4.28 -5.60 -7.74
CA LEU A 112 -5.67 -5.20 -7.91
C LEU A 112 -5.70 -3.85 -8.58
N SER A 113 -6.18 -3.83 -9.82
CA SER A 113 -6.48 -2.60 -10.54
C SER A 113 -7.96 -2.29 -10.41
N VAL A 114 -8.28 -1.01 -10.22
CA VAL A 114 -9.66 -0.59 -10.09
C VAL A 114 -10.01 0.23 -11.30
N ARG A 115 -10.95 -0.27 -12.10
CA ARG A 115 -11.41 0.41 -13.31
C ARG A 115 -12.17 1.68 -12.97
N GLU B 2 -1.66 6.40 -23.31
CA GLU B 2 -2.37 7.07 -22.17
C GLU B 2 -1.39 7.73 -21.21
N GLU B 3 -1.53 9.04 -21.02
CA GLU B 3 -0.58 9.83 -20.24
C GLU B 3 -0.51 9.42 -18.77
N LEU B 4 0.68 9.54 -18.20
CA LEU B 4 0.88 9.31 -16.77
C LEU B 4 -0.07 10.19 -15.95
N GLN B 5 -0.73 9.57 -14.99
CA GLN B 5 -1.51 10.30 -14.00
C GLN B 5 -1.01 9.95 -12.61
N VAL B 6 -1.17 10.88 -11.67
CA VAL B 6 -0.80 10.66 -10.28
C VAL B 6 -2.12 10.74 -9.54
N ILE B 7 -2.53 9.61 -8.97
CA ILE B 7 -3.84 9.46 -8.31
C ILE B 7 -3.67 9.37 -6.80
N GLN B 8 -4.26 10.34 -6.09
CA GLN B 8 -4.39 10.30 -4.65
C GLN B 8 -5.86 10.04 -4.37
N PRO B 9 -6.21 8.76 -4.12
CA PRO B 9 -7.61 8.36 -4.05
C PRO B 9 -8.38 8.86 -2.83
N ASP B 10 -7.67 9.25 -1.77
CA ASP B 10 -8.25 9.83 -0.58
C ASP B 10 -8.12 11.35 -0.58
N LYS B 11 -9.25 12.06 -0.49
CA LYS B 11 -9.20 13.50 -0.32
C LYS B 11 -8.75 13.90 1.08
N SER B 12 -9.06 13.05 2.07
CA SER B 12 -8.69 13.35 3.44
C SER B 12 -8.60 12.09 4.27
N ILE B 13 -7.76 12.15 5.30
CA ILE B 13 -7.67 11.09 6.29
C ILE B 13 -7.55 11.76 7.64
N SER B 14 -8.02 11.06 8.66
CA SER B 14 -7.95 11.54 10.01
CA SER B 14 -7.93 11.55 10.02
C SER B 14 -7.27 10.49 10.89
N VAL B 15 -6.36 10.93 11.75
CA VAL B 15 -5.74 10.03 12.72
C VAL B 15 -5.60 10.74 14.06
N ALA B 16 -5.45 9.94 15.09
CA ALA B 16 -5.19 10.45 16.43
C ALA B 16 -3.70 10.71 16.59
N ALA B 17 -3.36 11.64 17.47
CA ALA B 17 -1.96 11.90 17.81
C ALA B 17 -1.31 10.57 18.22
N GLY B 18 -0.13 10.30 17.69
CA GLY B 18 0.63 9.10 18.06
C GLY B 18 0.46 7.97 17.07
N GLU B 19 -0.64 8.00 16.33
CA GLU B 19 -0.94 6.95 15.35
C GLU B 19 -0.10 7.23 14.11
N SER B 20 -0.05 6.27 13.20
CA SER B 20 0.60 6.49 11.91
C SER B 20 -0.45 6.90 10.88
N ALA B 21 -0.04 7.68 9.88
CA ALA B 21 -0.95 8.07 8.78
C ALA B 21 -0.50 7.40 7.52
N THR B 22 -1.42 6.78 6.79
CA THR B 22 -1.09 6.18 5.51
C THR B 22 -1.70 7.04 4.39
N LEU B 23 -0.81 7.59 3.59
CA LEU B 23 -1.15 8.49 2.49
C LEU B 23 -1.03 7.77 1.18
N HIS B 24 -2.15 7.64 0.47
CA HIS B 24 -2.15 6.78 -0.72
C HIS B 24 -1.79 7.54 -1.98
N CYS B 25 -1.01 6.88 -2.84
CA CYS B 25 -0.70 7.44 -4.13
C CYS B 25 -0.41 6.32 -5.12
N THR B 26 -0.99 6.45 -6.31
CA THR B 26 -0.78 5.53 -7.40
C THR B 26 -0.33 6.32 -8.64
C THR B 26 -0.36 6.32 -8.63
N VAL B 27 0.85 6.02 -9.15
N VAL B 27 0.46 5.69 -9.46
CA VAL B 27 1.33 6.60 -10.40
CA VAL B 27 0.80 6.25 -10.76
C VAL B 27 1.25 5.56 -11.50
C VAL B 27 0.24 5.32 -11.82
N THR B 28 0.47 5.88 -12.53
N THR B 28 0.05 5.86 -13.03
CA THR B 28 -0.10 4.87 -13.42
CA THR B 28 -0.57 5.10 -14.10
C THR B 28 0.76 4.50 -14.62
C THR B 28 0.46 4.73 -15.16
N SER B 29 1.86 5.20 -14.81
N SER B 29 1.70 5.18 -15.00
CA SER B 29 2.76 4.92 -15.92
CA SER B 29 2.77 4.91 -15.99
C SER B 29 4.19 5.02 -15.42
N LEU B 30 5.12 4.30 -16.05
CA LEU B 30 6.56 4.41 -15.73
C LEU B 30 7.29 5.55 -16.51
N ILE B 31 6.58 6.16 -17.46
CA ILE B 31 7.13 7.17 -18.36
C ILE B 31 6.37 8.48 -18.21
N PRO B 32 7.07 9.62 -18.15
CA PRO B 32 8.51 9.83 -18.21
C PRO B 32 9.23 9.30 -16.97
N VAL B 33 10.50 8.94 -17.13
CA VAL B 33 11.31 8.45 -16.02
CA VAL B 33 11.33 8.46 -16.02
C VAL B 33 11.52 9.55 -14.99
N GLY B 34 11.55 9.16 -13.72
CA GLY B 34 11.83 10.10 -12.64
C GLY B 34 11.24 9.68 -11.31
N PRO B 35 11.76 10.26 -10.24
CA PRO B 35 11.36 9.88 -8.91
C PRO B 35 10.02 10.48 -8.48
N ILE B 36 9.39 9.81 -7.53
N ILE B 36 9.45 9.85 -7.48
CA ILE B 36 8.26 10.35 -6.81
CA ILE B 36 8.25 10.30 -6.79
C ILE B 36 8.79 10.99 -5.54
C ILE B 36 8.68 10.92 -5.46
N GLN B 37 8.20 12.11 -5.17
CA GLN B 37 8.47 12.79 -3.92
C GLN B 37 7.16 13.16 -3.29
N TRP B 38 7.12 13.21 -1.96
CA TRP B 38 5.95 13.71 -1.26
C TRP B 38 6.31 15.02 -0.58
N PHE B 39 5.36 15.97 -0.58
CA PHE B 39 5.48 17.23 0.14
C PHE B 39 4.29 17.51 1.03
N ARG B 40 4.53 18.31 2.06
CA ARG B 40 3.45 18.88 2.85
C ARG B 40 3.36 20.33 2.46
N GLY B 41 2.16 20.72 2.02
CA GLY B 41 1.90 22.03 1.44
C GLY B 41 2.23 22.10 -0.04
N ALA B 42 2.03 23.29 -0.60
CA ALA B 42 2.24 23.54 -2.04
C ALA B 42 2.84 24.91 -2.20
N GLY B 43 3.54 25.12 -3.31
CA GLY B 43 4.33 26.33 -3.49
C GLY B 43 5.71 26.23 -2.87
N PRO B 44 6.51 27.29 -3.00
CA PRO B 44 7.93 27.31 -2.59
C PRO B 44 8.21 27.03 -1.11
N GLY B 45 7.21 27.24 -0.25
CA GLY B 45 7.38 26.98 1.19
C GLY B 45 7.05 25.56 1.61
N ARG B 46 6.70 24.71 0.65
CA ARG B 46 6.33 23.34 0.97
C ARG B 46 7.51 22.58 1.57
N GLU B 47 7.18 21.56 2.35
CA GLU B 47 8.18 20.80 3.09
C GLU B 47 8.31 19.43 2.46
N LEU B 48 9.54 19.06 2.11
CA LEU B 48 9.81 17.71 1.59
C LEU B 48 9.61 16.66 2.69
N ILE B 49 8.78 15.66 2.40
CA ILE B 49 8.46 14.58 3.31
C ILE B 49 9.16 13.27 2.92
N TYR B 50 9.32 13.07 1.61
CA TYR B 50 9.94 11.86 1.10
C TYR B 50 10.43 12.09 -0.32
N ASN B 51 11.61 11.55 -0.62
CA ASN B 51 12.15 11.54 -1.98
C ASN B 51 12.65 10.14 -2.29
N GLN B 52 12.06 9.54 -3.32
CA GLN B 52 12.45 8.22 -3.79
C GLN B 52 13.93 8.15 -4.23
N LYS B 53 14.44 9.24 -4.81
CA LYS B 53 15.74 9.21 -5.48
C LYS B 53 16.91 9.14 -4.49
N GLU B 54 16.83 9.93 -3.43
CA GLU B 54 17.95 10.06 -2.49
C GLU B 54 17.48 10.74 -1.21
N GLY B 55 18.28 10.62 -0.15
CA GLY B 55 17.96 11.20 1.14
C GLY B 55 17.36 10.17 2.09
N HIS B 56 17.36 10.52 3.36
CA HIS B 56 16.86 9.63 4.40
C HIS B 56 15.69 10.30 5.11
N PHE B 57 14.58 9.56 5.13
CA PHE B 57 13.31 10.04 5.69
C PHE B 57 12.78 9.01 6.65
N PRO B 58 13.44 8.89 7.81
CA PRO B 58 13.19 7.75 8.68
C PRO B 58 11.76 7.67 9.27
N ARG B 59 11.04 8.78 9.34
CA ARG B 59 9.66 8.73 9.84
C ARG B 59 8.71 8.12 8.82
N VAL B 60 9.16 8.03 7.57
CA VAL B 60 8.37 7.54 6.44
C VAL B 60 8.79 6.12 6.10
N THR B 61 7.79 5.25 5.98
CA THR B 61 7.97 3.90 5.45
C THR B 61 7.05 3.72 4.25
N THR B 62 7.59 3.19 3.16
CA THR B 62 6.76 2.95 1.98
C THR B 62 5.84 1.73 2.21
N VAL B 63 4.62 1.83 1.71
CA VAL B 63 3.68 0.74 1.79
C VAL B 63 4.12 -0.42 0.90
N SER B 64 4.63 -0.07 -0.27
CA SER B 64 5.05 -1.05 -1.26
CA SER B 64 5.05 -1.00 -1.32
C SER B 64 6.57 -1.19 -1.30
N ASP B 65 7.02 -2.22 -1.99
CA ASP B 65 8.44 -2.47 -2.23
C ASP B 65 8.77 -1.73 -3.54
N LEU B 66 9.40 -0.56 -3.42
CA LEU B 66 9.66 0.28 -4.60
C LEU B 66 10.72 -0.30 -5.55
N THR B 67 11.42 -1.35 -5.10
CA THR B 67 12.39 -2.08 -5.91
C THR B 67 11.67 -2.89 -7.01
N LYS B 68 10.38 -3.16 -6.85
CA LYS B 68 9.69 -4.01 -7.81
C LYS B 68 9.64 -3.28 -9.17
N ARG B 69 9.97 -4.02 -10.22
CA ARG B 69 10.27 -3.42 -11.53
C ARG B 69 9.08 -2.62 -12.05
N ASN B 70 7.88 -3.06 -11.72
CA ASN B 70 6.66 -2.49 -12.27
C ASN B 70 5.78 -1.88 -11.18
N ASN B 71 6.41 -1.51 -10.07
CA ASN B 71 5.66 -0.90 -8.99
C ASN B 71 4.97 0.40 -9.42
N MET B 72 3.70 0.54 -9.06
N MET B 72 3.69 0.53 -9.07
CA MET B 72 2.94 1.78 -9.25
CA MET B 72 2.93 1.77 -9.30
C MET B 72 2.43 2.42 -7.96
C MET B 72 2.41 2.40 -7.98
N ASP B 73 2.66 1.75 -6.84
CA ASP B 73 2.12 2.22 -5.56
C ASP B 73 3.20 3.02 -4.82
N PHE B 74 2.93 4.31 -4.62
CA PHE B 74 3.86 5.20 -3.91
C PHE B 74 3.26 5.74 -2.61
N SER B 75 2.35 4.95 -2.05
CA SER B 75 1.77 5.23 -0.73
C SER B 75 2.83 5.18 0.32
N ILE B 76 2.71 6.07 1.31
CA ILE B 76 3.63 6.14 2.43
C ILE B 76 2.89 6.11 3.76
N ARG B 77 3.61 5.64 4.77
CA ARG B 77 3.14 5.67 6.15
C ARG B 77 4.07 6.55 6.96
N ILE B 78 3.50 7.54 7.63
CA ILE B 78 4.27 8.43 8.50
C ILE B 78 3.98 8.02 9.96
N SER B 79 5.05 7.73 10.67
CA SER B 79 4.97 7.30 12.07
CA SER B 79 5.00 7.29 12.06
C SER B 79 4.82 8.44 13.06
N ASN B 80 4.10 8.17 14.14
CA ASN B 80 3.93 9.09 15.23
C ASN B 80 3.50 10.49 14.81
N ILE B 81 2.32 10.55 14.25
CA ILE B 81 1.72 11.80 13.86
C ILE B 81 1.49 12.70 15.08
N THR B 82 1.86 13.98 14.94
CA THR B 82 1.57 14.99 15.96
C THR B 82 0.77 16.13 15.28
N PRO B 83 0.18 17.04 16.07
CA PRO B 83 -0.52 18.18 15.49
C PRO B 83 0.30 18.95 14.45
N ALA B 84 1.62 18.98 14.63
CA ALA B 84 2.54 19.62 13.68
C ALA B 84 2.49 18.99 12.27
N ASP B 85 2.05 17.74 12.18
CA ASP B 85 1.93 17.07 10.89
C ASP B 85 0.65 17.34 10.14
N ALA B 86 -0.32 18.01 10.76
CA ALA B 86 -1.56 18.31 10.07
C ALA B 86 -1.26 19.16 8.85
N GLY B 87 -1.97 18.90 7.76
CA GLY B 87 -1.76 19.66 6.56
C GLY B 87 -2.17 18.88 5.33
N THR B 88 -1.88 19.43 4.17
CA THR B 88 -2.24 18.79 2.90
C THR B 88 -0.99 18.22 2.25
N TYR B 89 -1.06 16.95 1.87
CA TYR B 89 0.11 16.21 1.37
C TYR B 89 -0.09 15.89 -0.09
N TYR B 90 0.97 16.17 -0.86
CA TYR B 90 0.96 15.92 -2.29
C TYR B 90 2.00 14.90 -2.69
N CYS B 91 1.56 13.96 -3.51
N CYS B 91 1.60 13.90 -3.46
CA CYS B 91 2.41 12.98 -4.18
CA CYS B 91 2.55 13.00 -4.09
C CYS B 91 2.76 13.59 -5.52
C CYS B 91 2.78 13.51 -5.50
N VAL B 92 4.06 13.67 -5.82
CA VAL B 92 4.52 14.44 -6.99
C VAL B 92 5.53 13.65 -7.81
N LYS B 93 5.19 13.48 -9.09
CA LYS B 93 6.05 12.82 -10.06
C LYS B 93 6.99 13.85 -10.61
N PHE B 94 8.28 13.53 -10.56
CA PHE B 94 9.32 14.34 -11.18
C PHE B 94 9.83 13.69 -12.47
N ARG B 95 10.38 14.52 -13.34
CA ARG B 95 11.04 14.05 -14.55
C ARG B 95 12.46 14.60 -14.63
N LYS B 96 13.25 14.08 -15.57
CA LYS B 96 14.63 14.54 -15.71
C LYS B 96 14.69 16.04 -16.00
N GLY B 97 15.67 16.70 -15.39
CA GLY B 97 15.99 18.10 -15.70
C GLY B 97 17.50 18.28 -15.65
N SER B 98 17.94 19.53 -15.71
CA SER B 98 19.36 19.87 -15.64
C SER B 98 19.53 21.14 -14.81
N PRO B 99 20.17 21.06 -13.63
CA PRO B 99 20.89 19.92 -13.06
C PRO B 99 19.96 18.83 -12.49
N ASP B 100 18.95 19.23 -11.73
CA ASP B 100 18.17 18.30 -10.93
C ASP B 100 16.86 17.94 -11.63
N HIS B 101 16.20 16.91 -11.10
CA HIS B 101 14.86 16.53 -11.56
C HIS B 101 13.92 17.69 -11.31
N VAL B 102 12.92 17.84 -12.18
CA VAL B 102 11.95 18.93 -12.09
C VAL B 102 10.54 18.35 -11.97
N GLU B 103 9.65 19.07 -11.28
CA GLU B 103 8.29 18.59 -11.10
C GLU B 103 7.65 18.35 -12.47
N PHE B 104 6.99 17.20 -12.60
CA PHE B 104 6.19 16.87 -13.77
C PHE B 104 4.70 16.97 -13.50
N LYS B 105 4.20 16.21 -12.51
CA LYS B 105 2.77 16.23 -12.18
C LYS B 105 2.51 15.92 -10.71
N SER B 106 1.74 16.79 -10.06
CA SER B 106 1.31 16.55 -8.69
C SER B 106 -0.04 15.83 -8.67
N GLY B 107 -0.20 14.92 -7.71
CA GLY B 107 -1.50 14.36 -7.34
C GLY B 107 -2.40 15.47 -6.79
N ALA B 108 -3.67 15.15 -6.61
CA ALA B 108 -4.68 16.14 -6.21
C ALA B 108 -4.64 16.48 -4.73
N GLY B 109 -3.78 15.80 -3.96
CA GLY B 109 -3.59 16.12 -2.55
C GLY B 109 -4.43 15.23 -1.65
N THR B 110 -4.00 15.15 -0.38
CA THR B 110 -4.72 14.43 0.66
C THR B 110 -4.59 15.23 1.93
N GLU B 111 -5.72 15.67 2.48
CA GLU B 111 -5.72 16.44 3.74
C GLU B 111 -5.57 15.49 4.92
N LEU B 112 -4.55 15.72 5.74
CA LEU B 112 -4.35 14.97 6.98
C LEU B 112 -4.79 15.81 8.16
N SER B 113 -5.83 15.36 8.87
CA SER B 113 -6.25 16.02 10.10
C SER B 113 -5.82 15.17 11.28
N VAL B 114 -5.42 15.85 12.35
CA VAL B 114 -5.02 15.15 13.55
C VAL B 114 -6.07 15.46 14.60
N ARG B 115 -6.86 14.45 14.95
CA ARG B 115 -8.05 14.64 15.79
C ARG B 115 -8.00 13.86 17.10
N ALA B 116 -8.23 14.55 18.21
CA ALA B 116 -8.14 13.97 19.57
C ALA B 116 -9.38 13.15 19.96
S SO4 C . -3.30 -0.23 8.76
O1 SO4 C . -2.32 -1.10 8.16
O2 SO4 C . -4.12 0.39 7.71
O3 SO4 C . -4.20 -0.98 9.64
O4 SO4 C . -2.62 0.81 9.55
S SO4 D . 6.89 -6.47 -10.54
O1 SO4 D . 7.61 -6.42 -11.82
O2 SO4 D . 5.71 -7.29 -10.71
O3 SO4 D . 7.78 -7.09 -9.54
O4 SO4 D . 6.52 -5.10 -10.16
S SO4 E . -12.29 10.60 0.71
O1 SO4 E . -11.63 10.68 -0.58
O2 SO4 E . -12.45 9.19 1.11
O3 SO4 E . -11.56 11.32 1.75
O4 SO4 E . -13.60 11.22 0.59
S SO4 F . 10.66 22.53 -9.98
O1 SO4 F . 11.98 23.12 -9.78
O2 SO4 F . 10.76 21.09 -9.86
O3 SO4 F . 9.75 23.04 -8.94
O4 SO4 F . 10.14 22.90 -11.28
CL CL G . 4.79 -4.31 -2.97
#